data_6PQC
#
_entry.id   6PQC
#
_cell.length_a   123.513
_cell.length_b   123.513
_cell.length_c   123.513
_cell.angle_alpha   90.000
_cell.angle_beta   90.000
_cell.angle_gamma   90.000
#
_symmetry.space_group_name_H-M   'P 43 3 2'
#
loop_
_entity.id
_entity.type
_entity.pdbx_description
1 polymer Beta-lactamase
2 non-polymer "CEFOTAXIME, C3' cleaved, open, bound form"
3 non-polymer 'SULFATE ION'
4 non-polymer '2-(N-MORPHOLINO)-ETHANESULFONIC ACID'
5 non-polymer (4S)-2-METHYL-2,4-PENTANEDIOL
6 water water
#
_entity_poly.entity_id   1
_entity_poly.type   'polypeptide(L)'
_entity_poly.pdbx_seq_one_letter_code
;SVNIVDYSDCFEGISGGAIFCNTKNKEYNIYNKELIETRRSPCSTFKIVSTLIGLEKGVINSKESVMGYDGTDYPNKNWN
KNLSLEEAFKESCVWYYKKLINKVDAKSVQNILDDLKYGNCDISEWEGDLKNGKGHLNGFWLESSLQISPKEQVQTMAKI
FEGDTNFKKEHINILRDIMAIDVNDANINVYGKTGTGFDEKNKRVDAWFVGMLEREGDTYYFAIKSDDSNKEITGPKVKE
IAINIIKKYYSV
;
_entity_poly.pdbx_strand_id   A
#
loop_
_chem_comp.id
_chem_comp.type
_chem_comp.name
_chem_comp.formula
CEF non-polymer 'CEFOTAXIME, C3' cleaved, open, bound form' 'C14 H15 N5 O5 S2'
MES non-polymer '2-(N-MORPHOLINO)-ETHANESULFONIC ACID' 'C6 H13 N O4 S'
MPD non-polymer (4S)-2-METHYL-2,4-PENTANEDIOL 'C6 H14 O2'
SO4 non-polymer 'SULFATE ION' 'O4 S -2'
#
# COMPACT_ATOMS: atom_id res chain seq x y z
N SER A 1 15.62 -0.20 19.02
CA SER A 1 15.04 0.74 19.97
C SER A 1 13.69 1.27 19.51
N VAL A 2 12.65 0.86 20.20
CA VAL A 2 11.33 1.29 19.91
C VAL A 2 11.06 2.55 20.69
N ASN A 3 10.85 3.64 19.99
CA ASN A 3 10.54 4.90 20.59
C ASN A 3 9.12 5.27 20.35
N ILE A 4 8.40 5.51 21.41
CA ILE A 4 7.02 5.99 21.31
C ILE A 4 7.06 7.49 21.10
N VAL A 5 6.45 7.95 20.01
CA VAL A 5 6.52 9.34 19.61
C VAL A 5 5.09 9.90 19.54
N ASP A 6 5.02 11.19 19.36
CA ASP A 6 3.76 11.85 19.25
C ASP A 6 3.72 12.70 18.02
N TYR A 7 2.96 12.26 17.03
CA TYR A 7 2.78 13.00 15.79
C TYR A 7 1.36 13.56 15.69
N SER A 8 0.73 13.77 16.82
CA SER A 8 -0.60 14.32 16.81
C SER A 8 -0.69 15.65 16.08
N ASP A 9 0.34 16.46 16.12
CA ASP A 9 0.29 17.78 15.50
C ASP A 9 0.10 17.70 13.99
N CYS A 10 0.64 16.66 13.34
CA CYS A 10 0.51 16.48 11.89
C CYS A 10 -0.80 15.79 11.49
N PHE A 11 -1.52 15.20 12.43
CA PHE A 11 -2.79 14.58 12.09
C PHE A 11 -3.95 15.56 12.09
N GLU A 12 -3.73 16.80 12.54
CA GLU A 12 -4.76 17.84 12.57
C GLU A 12 -6.08 17.34 13.13
N GLY A 13 -6.03 16.60 14.24
CA GLY A 13 -7.25 16.11 14.87
C GLY A 13 -7.81 14.81 14.31
N ILE A 14 -7.26 14.30 13.20
CA ILE A 14 -7.70 13.01 12.67
C ILE A 14 -7.13 11.89 13.52
N SER A 15 -7.93 10.85 13.74
CA SER A 15 -7.52 9.70 14.54
CA SER A 15 -7.48 9.73 14.55
C SER A 15 -6.71 8.74 13.69
N GLY A 16 -5.57 8.30 14.20
CA GLY A 16 -4.73 7.39 13.44
C GLY A 16 -3.40 7.15 14.12
N GLY A 17 -2.49 6.54 13.38
CA GLY A 17 -1.18 6.27 13.90
C GLY A 17 -0.16 6.25 12.78
N ALA A 18 1.12 6.14 13.17
CA ALA A 18 2.22 6.09 12.22
C ALA A 18 3.33 5.25 12.80
N ILE A 19 4.09 4.64 11.92
CA ILE A 19 5.22 3.83 12.27
C ILE A 19 6.32 4.00 11.24
N PHE A 20 7.47 4.45 11.69
CA PHE A 20 8.63 4.60 10.85
C PHE A 20 9.69 3.71 11.45
N CYS A 21 10.31 2.95 10.59
CA CYS A 21 11.44 2.06 10.90
CA CYS A 21 11.44 2.10 10.94
C CYS A 21 12.75 2.07 9.96
N ASN A 22 13.84 2.33 10.63
CA ASN A 22 15.13 2.31 10.00
C ASN A 22 15.82 1.04 10.39
N THR A 23 16.04 0.17 9.44
CA THR A 23 16.68 -1.09 9.77
C THR A 23 18.21 -1.02 9.85
N LYS A 24 18.86 0.03 9.36
CA LYS A 24 20.31 0.12 9.44
C LYS A 24 20.60 0.09 10.91
N ASN A 25 19.88 0.91 11.66
CA ASN A 25 19.99 0.80 13.10
C ASN A 25 18.75 0.02 13.51
N LYS A 26 18.11 0.43 14.57
CA LYS A 26 16.94 -0.27 14.97
C LYS A 26 16.01 0.74 15.56
N GLU A 27 15.93 1.85 14.89
CA GLU A 27 15.10 2.93 15.30
C GLU A 27 13.66 2.65 14.83
N TYR A 28 12.80 2.20 15.73
CA TYR A 28 11.38 2.00 15.45
C TYR A 28 10.64 3.19 16.07
N ASN A 29 10.07 4.06 15.26
CA ASN A 29 9.30 5.19 15.78
C ASN A 29 7.81 4.93 15.61
N ILE A 30 7.07 4.99 16.71
CA ILE A 30 5.70 4.50 16.75
C ILE A 30 4.82 5.55 17.41
N TYR A 31 3.79 5.98 16.70
CA TYR A 31 2.81 6.89 17.22
C TYR A 31 1.53 6.07 17.18
N ASN A 32 0.88 5.92 18.33
CA ASN A 32 -0.34 5.16 18.55
C ASN A 32 -0.13 3.64 18.34
N LYS A 33 0.59 3.05 19.26
CA LYS A 33 0.94 1.64 19.23
C LYS A 33 -0.19 0.68 19.05
N GLU A 34 -1.25 0.80 19.83
CA GLU A 34 -2.39 -0.11 19.68
C GLU A 34 -2.86 -0.15 18.22
N LEU A 35 -3.00 1.03 17.60
CA LEU A 35 -3.46 1.07 16.22
C LEU A 35 -2.45 0.42 15.28
N ILE A 36 -1.16 0.70 15.50
CA ILE A 36 -0.08 0.20 14.63
C ILE A 36 -0.02 -1.33 14.62
N GLU A 37 -0.43 -1.97 15.70
CA GLU A 37 -0.48 -3.42 15.76
C GLU A 37 -1.81 -4.00 15.31
N THR A 38 -2.78 -3.18 14.88
CA THR A 38 -4.11 -3.69 14.55
C THR A 38 -4.23 -3.97 13.06
N ARG A 39 -4.63 -5.19 12.71
CA ARG A 39 -4.79 -5.59 11.32
C ARG A 39 -6.06 -5.01 10.70
N ARG A 40 -5.94 -4.50 9.48
CA ARG A 40 -7.06 -3.98 8.70
C ARG A 40 -6.86 -4.37 7.25
N SER A 41 -7.92 -4.24 6.46
CA SER A 41 -7.81 -4.42 5.02
C SER A 41 -6.73 -3.50 4.47
N PRO A 42 -5.78 -4.02 3.68
CA PRO A 42 -4.79 -3.12 3.05
C PRO A 42 -5.40 -2.19 2.05
N CYS A 43 -6.57 -2.52 1.50
CA CYS A 43 -7.18 -1.76 0.40
C CYS A 43 -6.16 -1.67 -0.75
N SER A 44 -6.05 -0.50 -1.39
CA SER A 44 -5.23 -0.39 -2.59
C SER A 44 -3.74 -0.39 -2.31
N THR A 45 -3.30 -0.31 -1.05
CA THR A 45 -1.87 -0.50 -0.79
C THR A 45 -1.41 -1.89 -1.22
N PHE A 46 -2.34 -2.85 -1.31
CA PHE A 46 -2.01 -4.18 -1.80
C PHE A 46 -1.52 -4.16 -3.23
N LYS A 47 -1.81 -3.09 -3.98
CA LYS A 47 -1.32 -3.01 -5.36
C LYS A 47 0.21 -2.99 -5.41
N ILE A 48 0.87 -2.62 -4.31
CA ILE A 48 2.32 -2.80 -4.23
C ILE A 48 2.67 -4.27 -4.40
N VAL A 49 2.00 -5.14 -3.65
CA VAL A 49 2.32 -6.56 -3.72
C VAL A 49 1.77 -7.19 -5.00
N SER A 50 0.53 -6.85 -5.37
CA SER A 50 -0.02 -7.49 -6.57
CA SER A 50 -0.06 -7.42 -6.58
C SER A 50 0.79 -7.12 -7.81
N THR A 51 1.40 -5.94 -7.86
CA THR A 51 2.26 -5.61 -8.99
C THR A 51 3.43 -6.57 -9.07
N LEU A 52 4.09 -6.82 -7.92
CA LEU A 52 5.21 -7.76 -7.92
C LEU A 52 4.77 -9.18 -8.30
N ILE A 53 3.58 -9.59 -7.85
CA ILE A 53 3.06 -10.91 -8.23
C ILE A 53 2.90 -11.01 -9.75
N GLY A 54 2.25 -10.00 -10.35
CA GLY A 54 2.05 -10.03 -11.80
C GLY A 54 3.36 -10.04 -12.56
N LEU A 55 4.35 -9.26 -12.11
CA LEU A 55 5.67 -9.28 -12.73
C LEU A 55 6.32 -10.65 -12.57
N GLU A 56 6.24 -11.23 -11.38
CA GLU A 56 6.91 -12.51 -11.13
C GLU A 56 6.32 -13.61 -11.99
N LYS A 57 5.00 -13.62 -12.16
CA LYS A 57 4.35 -14.63 -12.99
C LYS A 57 4.36 -14.25 -14.46
N GLY A 58 4.91 -13.11 -14.83
CA GLY A 58 4.97 -12.76 -16.22
C GLY A 58 3.66 -12.35 -16.84
N VAL A 59 2.65 -12.01 -16.03
CA VAL A 59 1.42 -11.42 -16.56
C VAL A 59 1.70 -10.04 -17.11
N ILE A 60 2.57 -9.29 -16.43
CA ILE A 60 3.09 -8.00 -16.89
C ILE A 60 4.60 -8.08 -16.87
N ASN A 61 5.24 -7.11 -17.50
CA ASN A 61 6.68 -7.18 -17.70
C ASN A 61 7.42 -5.88 -17.44
N SER A 62 6.78 -4.72 -17.56
CA SER A 62 7.45 -3.44 -17.38
C SER A 62 6.40 -2.41 -16.98
N LYS A 63 6.87 -1.21 -16.67
CA LYS A 63 5.93 -0.16 -16.31
C LYS A 63 5.02 0.26 -17.46
N GLU A 64 5.33 -0.14 -18.71
CA GLU A 64 4.47 0.13 -19.86
C GLU A 64 3.39 -0.93 -20.07
N SER A 65 3.44 -2.04 -19.32
CA SER A 65 2.64 -3.21 -19.66
C SER A 65 1.14 -2.92 -19.55
N VAL A 66 0.38 -3.48 -20.50
CA VAL A 66 -1.06 -3.24 -20.57
C VAL A 66 -1.81 -4.52 -20.24
N MET A 67 -3.09 -4.38 -19.88
CA MET A 67 -3.94 -5.52 -19.52
C MET A 67 -5.10 -5.73 -20.50
N GLY A 68 -5.06 -5.13 -21.68
CA GLY A 68 -6.07 -5.42 -22.69
C GLY A 68 -7.44 -4.84 -22.38
N TYR A 69 -7.52 -3.52 -22.22
CA TYR A 69 -8.80 -2.85 -21.98
C TYR A 69 -9.84 -3.28 -23.02
N ASP A 70 -11.03 -3.65 -22.54
CA ASP A 70 -12.07 -4.20 -23.40
C ASP A 70 -13.15 -3.19 -23.73
N GLY A 71 -12.99 -1.92 -23.35
CA GLY A 71 -13.96 -0.90 -23.71
C GLY A 71 -15.06 -0.63 -22.70
N THR A 72 -15.05 -1.28 -21.53
CA THR A 72 -16.11 -1.10 -20.55
C THR A 72 -16.15 0.34 -20.05
N ASP A 73 -17.37 0.90 -19.92
CA ASP A 73 -17.51 2.29 -19.50
C ASP A 73 -17.33 2.42 -17.99
N TYR A 74 -16.51 3.39 -17.58
CA TYR A 74 -16.28 3.70 -16.18
C TYR A 74 -16.42 5.19 -15.94
N PRO A 75 -16.89 5.58 -14.74
CA PRO A 75 -17.03 7.02 -14.43
C PRO A 75 -15.71 7.78 -14.40
N ASN A 76 -14.60 7.14 -13.98
CA ASN A 76 -13.29 7.79 -14.04
C ASN A 76 -12.75 7.72 -15.47
N LYS A 77 -12.60 8.88 -16.12
CA LYS A 77 -12.19 8.88 -17.52
C LYS A 77 -10.87 8.15 -17.74
N ASN A 78 -9.93 8.24 -16.79
CA ASN A 78 -8.64 7.58 -16.97
C ASN A 78 -8.73 6.06 -16.88
N TRP A 79 -9.86 5.49 -16.46
CA TRP A 79 -10.01 4.03 -16.52
C TRP A 79 -10.44 3.56 -17.90
N ASN A 80 -10.91 4.48 -18.75
CA ASN A 80 -11.51 4.07 -20.01
C ASN A 80 -10.47 3.96 -21.12
N LYS A 81 -9.35 3.27 -20.86
CA LYS A 81 -8.31 3.20 -21.89
C LYS A 81 -7.38 2.06 -21.57
N ASN A 82 -6.50 1.74 -22.54
CA ASN A 82 -5.52 0.67 -22.38
C ASN A 82 -4.31 1.18 -21.59
N LEU A 83 -4.56 1.46 -20.33
CA LEU A 83 -3.54 2.15 -19.57
C LEU A 83 -2.40 1.21 -19.20
N SER A 84 -1.24 1.81 -18.99
CA SER A 84 -0.02 1.11 -18.62
C SER A 84 -0.03 0.78 -17.13
N LEU A 85 0.93 -0.07 -16.73
CA LEU A 85 1.08 -0.41 -15.32
C LEU A 85 1.31 0.85 -14.49
N GLU A 86 2.19 1.74 -14.94
CA GLU A 86 2.45 2.97 -14.20
C GLU A 86 1.17 3.76 -13.96
N GLU A 87 0.33 3.91 -14.99
CA GLU A 87 -0.90 4.68 -14.83
C GLU A 87 -1.92 3.93 -13.97
N ALA A 88 -2.14 2.64 -14.24
CA ALA A 88 -3.06 1.87 -13.42
C ALA A 88 -2.68 1.94 -11.95
N PHE A 89 -1.37 1.86 -11.66
CA PHE A 89 -0.91 1.95 -10.28
C PHE A 89 -1.20 3.33 -9.71
N LYS A 90 -0.81 4.38 -10.44
CA LYS A 90 -0.99 5.74 -9.95
C LYS A 90 -2.46 6.14 -9.91
N GLU A 91 -3.29 5.60 -10.82
CA GLU A 91 -4.73 5.86 -10.77
C GLU A 91 -5.44 4.92 -9.83
N SER A 92 -4.73 3.93 -9.29
CA SER A 92 -5.33 2.92 -8.44
C SER A 92 -6.50 2.24 -9.17
N CYS A 93 -6.27 1.90 -10.45
CA CYS A 93 -7.35 1.43 -11.33
C CYS A 93 -7.74 -0.01 -11.00
N VAL A 94 -8.97 -0.20 -10.56
CA VAL A 94 -9.35 -1.48 -9.96
C VAL A 94 -9.53 -2.57 -11.04
N TRP A 95 -10.11 -2.24 -12.21
CA TRP A 95 -10.32 -3.29 -13.20
C TRP A 95 -9.00 -3.86 -13.70
N TYR A 96 -7.97 -3.00 -13.82
CA TYR A 96 -6.66 -3.46 -14.27
C TYR A 96 -6.08 -4.48 -13.29
N TYR A 97 -6.09 -4.14 -12.00
CA TYR A 97 -5.49 -5.04 -11.00
C TYR A 97 -6.36 -6.26 -10.72
N LYS A 98 -7.68 -6.15 -10.91
CA LYS A 98 -8.51 -7.34 -10.76
C LYS A 98 -8.26 -8.32 -11.88
N LYS A 99 -8.15 -7.83 -13.11
CA LYS A 99 -7.86 -8.70 -14.23
C LYS A 99 -6.47 -9.33 -14.09
N LEU A 100 -5.51 -8.54 -13.62
CA LEU A 100 -4.15 -9.06 -13.40
C LEU A 100 -4.16 -10.22 -12.42
N ILE A 101 -4.73 -10.00 -11.23
CA ILE A 101 -4.68 -11.02 -10.19
C ILE A 101 -5.51 -12.24 -10.60
N ASN A 102 -6.53 -12.06 -11.44
CA ASN A 102 -7.33 -13.21 -11.83
C ASN A 102 -6.66 -14.06 -12.91
N LYS A 103 -5.51 -13.62 -13.41
CA LYS A 103 -4.67 -14.46 -14.26
C LYS A 103 -3.71 -15.34 -13.46
N VAL A 104 -3.67 -15.22 -12.13
CA VAL A 104 -2.74 -16.00 -11.29
C VAL A 104 -3.54 -16.99 -10.45
N ASP A 105 -3.08 -18.24 -10.41
CA ASP A 105 -3.74 -19.24 -9.59
C ASP A 105 -3.65 -18.88 -8.10
N ALA A 106 -4.63 -19.33 -7.33
CA ALA A 106 -4.73 -18.87 -5.94
C ALA A 106 -3.61 -19.43 -5.08
N LYS A 107 -3.14 -20.64 -5.40
CA LYS A 107 -2.10 -21.26 -4.59
C LYS A 107 -0.78 -20.48 -4.69
N SER A 108 -0.47 -19.92 -5.88
CA SER A 108 0.72 -19.08 -6.01
C SER A 108 0.61 -17.82 -5.18
N VAL A 109 -0.57 -17.20 -5.17
CA VAL A 109 -0.76 -16.00 -4.34
C VAL A 109 -0.63 -16.36 -2.86
N GLN A 110 -1.30 -17.44 -2.44
CA GLN A 110 -1.16 -17.92 -1.06
C GLN A 110 0.31 -18.09 -0.66
N ASN A 111 1.09 -18.81 -1.48
CA ASN A 111 2.50 -19.04 -1.17
C ASN A 111 3.27 -17.72 -1.08
N ILE A 112 2.96 -16.77 -1.97
CA ILE A 112 3.70 -15.50 -1.95
C ILE A 112 3.34 -14.69 -0.72
N LEU A 113 2.06 -14.63 -0.36
CA LEU A 113 1.69 -13.89 0.84
C LEU A 113 2.31 -14.54 2.08
N ASP A 114 2.30 -15.87 2.16
CA ASP A 114 2.94 -16.58 3.25
C ASP A 114 4.42 -16.21 3.37
N ASP A 115 5.14 -16.25 2.24
CA ASP A 115 6.56 -15.92 2.24
C ASP A 115 6.80 -14.50 2.74
N LEU A 116 5.93 -13.57 2.37
CA LEU A 116 6.03 -12.18 2.78
C LEU A 116 5.53 -11.94 4.19
N LYS A 117 4.93 -12.95 4.81
CA LYS A 117 4.25 -12.79 6.10
C LYS A 117 3.27 -11.64 6.02
N TYR A 118 2.41 -11.67 5.01
CA TYR A 118 1.55 -10.53 4.71
C TYR A 118 0.29 -10.60 5.58
N GLY A 119 0.45 -10.17 6.84
CA GLY A 119 -0.71 -10.12 7.72
C GLY A 119 -1.29 -11.49 7.88
N ASN A 120 -2.63 -11.58 7.87
CA ASN A 120 -3.26 -12.87 8.05
C ASN A 120 -3.20 -13.75 6.79
N CYS A 121 -2.70 -13.24 5.66
CA CYS A 121 -2.58 -14.06 4.45
C CYS A 121 -3.89 -14.75 4.07
N ASP A 122 -5.03 -14.12 4.35
CA ASP A 122 -6.32 -14.76 4.18
C ASP A 122 -6.90 -14.32 2.84
N ILE A 123 -6.79 -15.17 1.83
CA ILE A 123 -7.40 -14.91 0.54
C ILE A 123 -8.67 -15.75 0.32
N SER A 124 -9.28 -16.26 1.41
CA SER A 124 -10.45 -17.13 1.27
C SER A 124 -11.62 -16.44 0.56
N GLU A 125 -11.78 -15.13 0.72
CA GLU A 125 -12.85 -14.41 0.03
CA GLU A 125 -12.84 -14.40 0.04
C GLU A 125 -12.28 -13.76 -1.23
N TRP A 126 -11.88 -14.63 -2.18
CA TRP A 126 -11.17 -14.17 -3.38
C TRP A 126 -11.91 -13.05 -4.09
N GLU A 127 -13.21 -13.24 -4.35
CA GLU A 127 -14.00 -12.25 -5.09
C GLU A 127 -14.31 -11.02 -4.25
N GLY A 128 -14.00 -11.04 -2.97
CA GLY A 128 -14.12 -9.83 -2.18
C GLY A 128 -15.51 -9.65 -1.58
N ASP A 129 -15.76 -8.41 -1.18
CA ASP A 129 -16.91 -8.05 -0.35
C ASP A 129 -18.15 -7.80 -1.22
N LEU A 130 -18.69 -8.90 -1.76
CA LEU A 130 -19.77 -8.78 -2.75
C LEU A 130 -21.02 -8.11 -2.18
N LYS A 131 -21.17 -8.05 -0.86
CA LYS A 131 -22.37 -7.44 -0.31
C LYS A 131 -22.42 -5.94 -0.53
N ASN A 132 -21.32 -5.30 -0.93
CA ASN A 132 -21.37 -3.88 -1.24
C ASN A 132 -21.99 -3.59 -2.61
N GLY A 133 -22.43 -4.61 -3.35
CA GLY A 133 -23.12 -4.44 -4.62
C GLY A 133 -22.25 -4.17 -5.82
N LYS A 134 -20.95 -3.96 -5.64
CA LYS A 134 -20.07 -3.55 -6.73
C LYS A 134 -19.59 -4.68 -7.61
N GLY A 135 -19.95 -5.94 -7.30
CA GLY A 135 -19.73 -7.02 -8.25
C GLY A 135 -18.24 -7.28 -8.49
N HIS A 136 -17.85 -7.21 -9.75
CA HIS A 136 -16.48 -7.53 -10.17
C HIS A 136 -15.46 -6.49 -9.71
N LEU A 137 -15.89 -5.28 -9.32
CA LEU A 137 -15.00 -4.25 -8.75
C LEU A 137 -14.78 -4.51 -7.26
N ASN A 138 -14.14 -5.64 -6.96
CA ASN A 138 -14.01 -6.15 -5.61
C ASN A 138 -12.87 -7.18 -5.61
N GLY A 139 -12.40 -7.51 -4.42
CA GLY A 139 -11.40 -8.57 -4.28
C GLY A 139 -10.99 -8.74 -2.83
N PHE A 140 -10.25 -9.82 -2.58
CA PHE A 140 -9.88 -10.18 -1.20
C PHE A 140 -9.12 -9.06 -0.50
N TRP A 141 -8.50 -8.15 -1.24
CA TRP A 141 -7.70 -7.08 -0.62
C TRP A 141 -8.50 -5.81 -0.33
N LEU A 142 -9.77 -5.74 -0.71
CA LEU A 142 -10.58 -4.52 -0.58
C LEU A 142 -11.68 -4.75 0.44
N GLU A 143 -11.42 -4.38 1.69
CA GLU A 143 -12.34 -4.54 2.80
C GLU A 143 -12.94 -5.93 2.82
N SER A 144 -12.08 -6.92 2.74
CA SER A 144 -12.48 -8.28 2.66
C SER A 144 -11.68 -9.16 3.60
N SER A 145 -11.34 -10.35 3.16
CA SER A 145 -10.65 -11.29 4.02
C SER A 145 -9.19 -10.98 4.37
N LEU A 146 -8.44 -10.36 3.47
CA LEU A 146 -7.07 -10.06 3.76
C LEU A 146 -6.94 -8.90 4.71
N GLN A 147 -6.11 -9.05 5.72
CA GLN A 147 -5.90 -7.98 6.70
C GLN A 147 -4.45 -7.96 7.16
N ILE A 148 -3.95 -6.75 7.39
CA ILE A 148 -2.54 -6.56 7.72
C ILE A 148 -2.43 -5.32 8.61
N SER A 149 -1.50 -5.37 9.58
CA SER A 149 -1.33 -4.20 10.43
C SER A 149 -0.34 -3.23 9.80
N PRO A 150 -0.40 -1.95 10.19
CA PRO A 150 0.67 -1.00 9.80
C PRO A 150 2.08 -1.53 10.09
N LYS A 151 2.27 -2.15 11.26
CA LYS A 151 3.56 -2.74 11.56
C LYS A 151 3.94 -3.82 10.55
N GLU A 152 3.00 -4.68 10.19
CA GLU A 152 3.35 -5.73 9.23
C GLU A 152 3.58 -5.15 7.84
N GLN A 153 2.89 -4.04 7.50
CA GLN A 153 3.13 -3.38 6.22
C GLN A 153 4.59 -2.94 6.12
N VAL A 154 5.08 -2.26 7.17
CA VAL A 154 6.45 -1.76 7.20
C VAL A 154 7.43 -2.92 7.10
N GLN A 155 7.16 -4.01 7.82
CA GLN A 155 8.05 -5.16 7.76
C GLN A 155 8.09 -5.76 6.35
N THR A 156 6.93 -5.89 5.72
CA THR A 156 6.86 -6.35 4.33
C THR A 156 7.64 -5.43 3.39
N MET A 157 7.41 -4.11 3.50
CA MET A 157 8.14 -3.16 2.66
C MET A 157 9.64 -3.34 2.79
N ALA A 158 10.14 -3.34 4.04
CA ALA A 158 11.57 -3.52 4.27
C ALA A 158 12.06 -4.82 3.66
N LYS A 159 11.31 -5.92 3.83
CA LYS A 159 11.75 -7.19 3.26
CA LYS A 159 11.72 -7.20 3.26
C LYS A 159 11.90 -7.07 1.75
N ILE A 160 10.91 -6.47 1.09
CA ILE A 160 10.93 -6.36 -0.37
C ILE A 160 12.08 -5.48 -0.82
N PHE A 161 12.16 -4.26 -0.29
CA PHE A 161 13.03 -3.26 -0.88
C PHE A 161 14.45 -3.32 -0.36
N GLU A 162 14.71 -4.07 0.71
CA GLU A 162 16.09 -4.34 1.10
C GLU A 162 16.67 -5.55 0.38
N GLY A 163 15.91 -6.19 -0.50
CA GLY A 163 16.42 -7.30 -1.26
C GLY A 163 16.30 -8.65 -0.59
N ASP A 164 15.46 -8.78 0.44
CA ASP A 164 15.39 -9.99 1.26
C ASP A 164 14.37 -11.01 0.77
N THR A 165 13.67 -10.74 -0.32
CA THR A 165 12.81 -11.71 -0.95
C THR A 165 13.45 -12.21 -2.25
N ASN A 166 12.79 -13.20 -2.85
CA ASN A 166 13.19 -13.76 -4.13
C ASN A 166 12.66 -12.98 -5.32
N PHE A 167 11.88 -11.92 -5.12
CA PHE A 167 11.49 -11.08 -6.25
C PHE A 167 12.73 -10.55 -6.96
N LYS A 168 12.68 -10.49 -8.29
CA LYS A 168 13.82 -9.98 -9.06
C LYS A 168 14.04 -8.48 -8.81
N LYS A 169 15.33 -8.09 -8.76
CA LYS A 169 15.67 -6.68 -8.58
C LYS A 169 15.09 -5.83 -9.69
N GLU A 170 15.03 -6.36 -10.90
CA GLU A 170 14.40 -5.67 -12.02
C GLU A 170 12.95 -5.31 -11.70
N HIS A 171 12.24 -6.24 -11.07
CA HIS A 171 10.84 -6.00 -10.72
C HIS A 171 10.73 -5.06 -9.54
N ILE A 172 11.60 -5.21 -8.53
CA ILE A 172 11.66 -4.26 -7.42
C ILE A 172 11.85 -2.85 -7.94
N ASN A 173 12.76 -2.67 -8.90
CA ASN A 173 13.04 -1.34 -9.43
C ASN A 173 11.86 -0.76 -10.21
N ILE A 174 11.06 -1.61 -10.89
CA ILE A 174 9.85 -1.09 -11.53
C ILE A 174 8.92 -0.51 -10.48
N LEU A 175 8.77 -1.23 -9.35
CA LEU A 175 7.94 -0.74 -8.26
CA LEU A 175 7.93 -0.74 -8.27
C LEU A 175 8.46 0.57 -7.71
N ARG A 176 9.77 0.64 -7.44
CA ARG A 176 10.36 1.91 -6.99
CA ARG A 176 10.35 1.91 -6.99
C ARG A 176 10.03 3.04 -7.96
N ASP A 177 10.14 2.76 -9.26
CA ASP A 177 9.86 3.77 -10.28
C ASP A 177 8.43 4.30 -10.14
N ILE A 178 7.45 3.41 -10.14
CA ILE A 178 6.06 3.86 -10.19
C ILE A 178 5.53 4.30 -8.83
N MET A 179 6.25 3.97 -7.74
CA MET A 179 5.87 4.40 -6.39
C MET A 179 6.41 5.77 -6.03
N ALA A 180 7.34 6.31 -6.80
CA ALA A 180 7.97 7.58 -6.43
C ALA A 180 6.93 8.70 -6.45
N ILE A 181 6.96 9.57 -5.44
CA ILE A 181 6.04 10.70 -5.40
C ILE A 181 6.83 12.00 -5.24
N ASP A 182 6.26 13.04 -5.82
CA ASP A 182 6.86 14.38 -5.80
C ASP A 182 6.41 15.06 -4.51
N VAL A 183 7.36 15.31 -3.61
CA VAL A 183 7.03 15.97 -2.34
C VAL A 183 7.57 17.40 -2.29
N ASN A 184 7.93 17.98 -3.44
CA ASN A 184 8.49 19.35 -3.51
C ASN A 184 9.72 19.49 -2.63
N ASP A 185 10.53 18.44 -2.55
CA ASP A 185 11.69 18.41 -1.67
C ASP A 185 12.69 17.42 -2.25
N ALA A 186 13.69 17.94 -2.95
CA ALA A 186 14.66 17.09 -3.64
C ALA A 186 15.70 16.49 -2.72
N ASN A 187 15.76 16.89 -1.46
CA ASN A 187 16.73 16.30 -0.55
C ASN A 187 16.31 14.94 0.00
N ILE A 188 15.03 14.57 -0.17
CA ILE A 188 14.54 13.26 0.23
C ILE A 188 13.79 12.64 -0.93
N ASN A 189 13.87 11.31 -1.03
CA ASN A 189 13.09 10.55 -2.00
C ASN A 189 11.98 9.88 -1.23
N VAL A 190 10.74 10.08 -1.67
CA VAL A 190 9.59 9.49 -1.03
C VAL A 190 8.91 8.56 -2.03
N TYR A 191 8.52 7.39 -1.54
CA TYR A 191 7.82 6.40 -2.34
C TYR A 191 6.65 5.87 -1.52
N GLY A 192 5.55 5.58 -2.19
CA GLY A 192 4.42 5.07 -1.43
C GLY A 192 3.21 4.79 -2.28
N LYS A 193 2.14 4.41 -1.59
CA LYS A 193 0.87 4.10 -2.21
C LYS A 193 -0.25 4.36 -1.20
N THR A 194 -1.28 5.06 -1.66
CA THR A 194 -2.47 5.30 -0.86
C THR A 194 -3.39 4.09 -0.87
N GLY A 195 -4.26 4.04 0.13
CA GLY A 195 -5.37 3.10 0.13
C GLY A 195 -6.58 3.73 0.79
N THR A 196 -7.77 3.45 0.27
CA THR A 196 -8.99 4.01 0.81
C THR A 196 -10.06 2.94 0.90
N GLY A 197 -10.65 2.80 2.08
CA GLY A 197 -11.76 1.89 2.25
C GLY A 197 -12.58 2.39 3.43
N PHE A 198 -13.78 1.82 3.57
CA PHE A 198 -14.62 2.07 4.72
C PHE A 198 -15.01 0.74 5.32
N ASP A 199 -14.74 0.57 6.61
CA ASP A 199 -15.14 -0.60 7.39
C ASP A 199 -16.59 -0.39 7.80
N GLU A 200 -17.52 -1.06 7.11
CA GLU A 200 -18.93 -0.87 7.44
C GLU A 200 -19.28 -1.45 8.81
N LYS A 201 -18.56 -2.50 9.23
CA LYS A 201 -18.78 -3.07 10.56
C LYS A 201 -18.53 -2.06 11.66
N ASN A 202 -17.30 -1.54 11.73
CA ASN A 202 -16.89 -0.60 12.76
C ASN A 202 -17.26 0.84 12.45
N LYS A 203 -17.80 1.12 11.27
CA LYS A 203 -18.10 2.49 10.83
C LYS A 203 -16.86 3.39 10.95
N ARG A 204 -15.73 2.91 10.45
CA ARG A 204 -14.48 3.66 10.43
C ARG A 204 -13.81 3.53 9.07
N VAL A 205 -13.11 4.58 8.65
CA VAL A 205 -12.31 4.48 7.43
C VAL A 205 -11.11 3.56 7.64
N ASP A 206 -10.63 3.00 6.54
CA ASP A 206 -9.29 2.44 6.46
C ASP A 206 -8.58 3.30 5.42
N ALA A 207 -7.86 4.32 5.89
CA ALA A 207 -7.15 5.22 5.00
C ALA A 207 -5.66 5.08 5.27
N TRP A 208 -4.90 4.78 4.21
CA TRP A 208 -3.50 4.40 4.30
C TRP A 208 -2.60 5.28 3.44
N PHE A 209 -1.37 5.45 3.92
CA PHE A 209 -0.25 5.75 3.04
C PHE A 209 0.93 4.91 3.53
N VAL A 210 1.43 4.04 2.66
CA VAL A 210 2.44 3.06 3.01
C VAL A 210 3.58 3.19 2.01
N GLY A 211 4.82 3.20 2.50
CA GLY A 211 5.96 3.33 1.62
C GLY A 211 7.32 3.46 2.28
N MET A 212 8.19 4.28 1.69
CA MET A 212 9.56 4.39 2.18
CA MET A 212 9.59 4.37 2.13
C MET A 212 10.08 5.78 1.90
N LEU A 213 11.07 6.16 2.71
CA LEU A 213 11.70 7.48 2.66
C LEU A 213 13.21 7.28 2.60
N GLU A 214 13.86 7.91 1.62
CA GLU A 214 15.31 7.85 1.46
C GLU A 214 15.89 9.24 1.72
N ARG A 215 16.79 9.32 2.70
CA ARG A 215 17.27 10.60 3.18
C ARG A 215 18.71 10.39 3.64
N GLU A 216 19.66 10.62 2.72
CA GLU A 216 21.09 10.59 3.05
C GLU A 216 21.53 9.24 3.60
N GLY A 217 21.53 8.24 2.72
CA GLY A 217 21.99 6.92 3.10
C GLY A 217 21.08 6.14 4.03
N ASP A 218 20.26 6.85 4.81
CA ASP A 218 19.25 6.21 5.65
C ASP A 218 17.96 6.00 4.88
N THR A 219 17.36 4.84 5.07
CA THR A 219 16.05 4.53 4.54
C THR A 219 15.12 4.26 5.71
N TYR A 220 13.94 4.90 5.68
CA TYR A 220 12.88 4.61 6.64
C TYR A 220 11.72 3.98 5.88
N TYR A 221 11.24 2.84 6.40
CA TYR A 221 10.01 2.23 5.90
C TYR A 221 8.88 2.68 6.81
N PHE A 222 7.78 3.12 6.22
CA PHE A 222 6.74 3.76 7.01
C PHE A 222 5.36 3.28 6.59
N ALA A 223 4.43 3.41 7.52
CA ALA A 223 3.00 3.21 7.28
C ALA A 223 2.24 4.21 8.14
N ILE A 224 1.35 4.97 7.50
CA ILE A 224 0.48 5.91 8.19
C ILE A 224 -0.96 5.46 7.93
N LYS A 225 -1.77 5.42 8.98
CA LYS A 225 -3.09 4.81 8.89
C LYS A 225 -4.06 5.62 9.74
N SER A 226 -5.22 5.93 9.18
CA SER A 226 -6.31 6.50 9.96
C SER A 226 -7.42 5.46 10.08
N ASP A 227 -8.07 5.47 11.24
CA ASP A 227 -9.29 4.72 11.48
C ASP A 227 -10.42 5.65 11.87
N ASP A 228 -10.40 6.88 11.35
CA ASP A 228 -11.35 7.88 11.81
C ASP A 228 -12.76 7.50 11.40
N SER A 229 -13.73 8.04 12.15
CA SER A 229 -15.14 7.83 11.84
C SER A 229 -15.63 8.72 10.71
N ASN A 230 -14.90 9.80 10.42
CA ASN A 230 -15.28 10.71 9.35
C ASN A 230 -15.00 10.07 7.99
N LYS A 231 -16.04 9.91 7.18
CA LYS A 231 -15.93 9.29 5.86
C LYS A 231 -15.12 10.11 4.87
N GLU A 232 -14.88 11.38 5.16
CA GLU A 232 -14.09 12.21 4.27
C GLU A 232 -12.60 11.90 4.35
N ILE A 233 -12.17 11.11 5.33
CA ILE A 233 -10.75 10.82 5.51
C ILE A 233 -10.35 9.65 4.60
N THR A 234 -9.57 9.98 3.58
CA THR A 234 -9.18 9.06 2.52
C THR A 234 -7.66 8.84 2.52
N GLY A 235 -7.24 7.90 1.68
CA GLY A 235 -5.83 7.67 1.43
C GLY A 235 -5.07 8.95 1.10
N PRO A 236 -5.54 9.70 0.09
CA PRO A 236 -4.87 10.98 -0.22
C PRO A 236 -4.75 11.93 0.97
N LYS A 237 -5.79 12.06 1.79
CA LYS A 237 -5.70 12.86 3.00
C LYS A 237 -4.59 12.34 3.92
N VAL A 238 -4.53 11.02 4.12
CA VAL A 238 -3.54 10.45 5.02
C VAL A 238 -2.14 10.57 4.42
N LYS A 239 -2.03 10.54 3.09
CA LYS A 239 -0.75 10.81 2.45
C LYS A 239 -0.27 12.23 2.74
N GLU A 240 -1.19 13.19 2.83
CA GLU A 240 -0.79 14.55 3.17
C GLU A 240 -0.29 14.61 4.61
N ILE A 241 -0.95 13.89 5.51
CA ILE A 241 -0.47 13.78 6.88
C ILE A 241 0.93 13.20 6.91
N ALA A 242 1.13 12.10 6.16
CA ALA A 242 2.44 11.47 6.06
C ALA A 242 3.51 12.44 5.61
N ILE A 243 3.20 13.25 4.60
CA ILE A 243 4.20 14.16 4.07
C ILE A 243 4.54 15.22 5.09
N ASN A 244 3.54 15.68 5.85
CA ASN A 244 3.78 16.64 6.92
C ASN A 244 4.68 16.07 8.01
N ILE A 245 4.49 14.80 8.36
CA ILE A 245 5.36 14.16 9.34
C ILE A 245 6.80 14.09 8.80
N ILE A 246 6.94 13.64 7.56
CA ILE A 246 8.27 13.48 6.97
C ILE A 246 9.03 14.81 6.96
N LYS A 247 8.35 15.88 6.55
CA LYS A 247 8.99 17.19 6.49
C LYS A 247 9.32 17.72 7.89
N LYS A 248 8.45 17.50 8.87
CA LYS A 248 8.72 18.03 10.20
C LYS A 248 9.73 17.18 10.97
N TYR A 249 9.58 15.85 10.93
CA TYR A 249 10.35 15.00 11.83
C TYR A 249 11.45 14.20 11.16
N TYR A 250 11.44 14.05 9.83
CA TYR A 250 12.46 13.25 9.15
C TYR A 250 13.25 14.05 8.14
N SER A 251 13.36 15.35 8.36
CA SER A 251 14.23 16.22 7.59
C SER A 251 15.64 16.21 8.18
N VAL A 252 16.53 17.01 7.61
CA VAL A 252 17.79 17.36 8.26
C VAL A 252 18.36 18.65 7.68
S1 CEF B . -10.05 4.25 -5.26
C1 CEF B . -9.29 5.77 -5.67
C2 CEF B . -8.29 6.10 -4.59
C3 CEF B . -7.71 7.29 -4.59
C4 CEF B . -7.98 5.10 -3.51
C5 CEF B . -6.69 5.49 -2.90
O1 CEF B . -6.65 5.91 -1.73
O2 CEF B . -5.69 5.36 -3.62
N1 CEF B . -7.69 3.74 -4.02
C6 CEF B . -8.79 3.08 -4.76
C7 CEF B . -9.37 1.92 -3.93
C8 CEF B . -8.23 1.31 -3.10
O3 CEF B . -8.18 1.48 -1.88
N2 CEF B . -10.57 2.32 -3.17
C9 CEF B . -11.78 1.83 -3.46
O4 CEF B . -11.89 0.73 -3.97
C10 CEF B . -13.06 2.55 -3.24
N3 CEF B . -14.02 2.24 -4.01
O5 CEF B . -15.16 2.80 -3.89
C11 CEF B . -15.57 3.93 -4.67
C12 CEF B . -13.39 3.61 -2.25
C13 CEF B . -13.16 4.98 -2.52
S2 CEF B . -13.75 5.90 -1.17
C14 CEF B . -14.27 4.48 -0.35
N4 CEF B . -14.86 4.52 0.87
N5 CEF B . -14.03 3.35 -1.05
S SO4 C . -8.00 -12.48 -22.42
O1 SO4 C . -7.61 -13.32 -21.27
O2 SO4 C . -8.10 -11.08 -21.98
O3 SO4 C . -9.29 -12.92 -22.95
O4 SO4 C . -6.98 -12.59 -23.46
S SO4 D . -7.00 -11.59 11.70
O1 SO4 D . -7.91 -11.19 12.77
O2 SO4 D . -5.62 -11.66 12.19
O3 SO4 D . -7.41 -12.89 11.16
O4 SO4 D . -7.04 -10.56 10.66
S SO4 E . -1.48 -15.29 11.76
O1 SO4 E . -1.68 -14.41 12.91
O2 SO4 E . -1.36 -16.67 12.22
O3 SO4 E . -0.25 -14.89 11.07
O4 SO4 E . -2.61 -15.18 10.83
S SO4 F . -1.99 -20.16 -14.28
O1 SO4 F . -1.45 -21.52 -14.38
O2 SO4 F . -1.16 -19.38 -13.36
O3 SO4 F . -3.36 -20.20 -13.76
O4 SO4 F . -2.00 -19.55 -15.61
S SO4 G . -28.27 -0.04 0.64
O1 SO4 G . -28.25 -0.57 2.01
O2 SO4 G . -27.19 0.92 0.47
O3 SO4 G . -28.13 -1.13 -0.31
O4 SO4 G . -29.56 0.62 0.42
S SO4 H . 17.63 -11.08 -9.27
O1 SO4 H . 17.11 -10.51 -8.03
O2 SO4 H . 19.08 -11.07 -9.22
O3 SO4 H . 17.14 -12.45 -9.42
O4 SO4 H . 17.19 -10.27 -10.40
S SO4 I . -5.07 -8.15 15.14
O1 SO4 I . -5.22 -8.22 16.59
O2 SO4 I . -3.65 -8.05 14.79
O3 SO4 I . -5.61 -9.36 14.54
O4 SO4 I . -5.77 -6.97 14.62
O1 MES J . -26.50 -3.14 -3.30
C2 MES J . -26.11 -3.95 -2.18
C3 MES J . -25.93 -3.14 -0.89
N4 MES J . -25.27 -1.86 -1.16
C5 MES J . -25.57 -1.08 -2.37
C6 MES J . -25.62 -2.04 -3.54
C7 MES J . -24.88 -1.10 0.02
C8 MES J . -23.45 -1.50 0.37
S MES J . -23.21 -1.56 2.03
O1S MES J . -21.82 -2.05 2.27
O2S MES J . -23.41 -0.23 2.64
O3S MES J . -24.17 -2.52 2.64
C1 MPD K . 7.56 -16.18 -5.55
C2 MPD K . 8.83 -15.42 -5.19
O2 MPD K . 9.72 -16.33 -4.47
CM MPD K . 9.55 -14.99 -6.46
C3 MPD K . 8.52 -14.19 -4.34
C4 MPD K . 7.94 -14.57 -2.97
O4 MPD K . 8.53 -15.77 -2.55
C5 MPD K . 8.12 -13.48 -1.90
C1 MPD L . -13.00 -4.40 -17.90
C2 MPD L . -13.28 -5.82 -17.38
O2 MPD L . -14.40 -6.41 -18.12
CM MPD L . -13.72 -5.70 -15.92
C3 MPD L . -12.02 -6.70 -17.47
C4 MPD L . -12.31 -8.18 -17.18
O4 MPD L . -11.85 -9.00 -18.23
C5 MPD L . -11.66 -8.69 -15.90
#